data_2X6O
#
_entry.id   2X6O
#
_cell.length_a   69.050
_cell.length_b   69.050
_cell.length_c   180.610
_cell.angle_alpha   90.00
_cell.angle_beta   90.00
_cell.angle_gamma   90.00
#
_symmetry.space_group_name_H-M   'I 41 2 2'
#
loop_
_entity.id
_entity.type
_entity.pdbx_description
1 polymer 'TETRACYCLINE REPRESSOR PROTEIN CLASS D'
2 non-polymer (4S,4AS,6S,8AS)-6-[(1S)-7-CHLORO-4-HYDROXY-1-METHYL-3-OXO-1,3-DIHYDRO-2-BENZOFURAN-1-YL]-4-(DIMETHYLAMINO)-3,8A-DIHYDROXY-1,8-DIOXO-1,4,4A,5,6,7,8,8A-OCTAHYDRONAPHTHALENE-2-CARBONITRILE
3 non-polymer 'CHLORIDE ION'
4 water water
#
_entity_poly.entity_id   1
_entity_poly.type   'polypeptide(L)'
_entity_poly.pdbx_seq_one_letter_code
;SRLNRESVIDAALELLNETGIDGLTTRKLAQKLGIEQPTLYWHVKNKRALLDALAVEILARHHDYSLPAAGESWQSFLRN
NAMSFRRALLRYRDGAKVHLGTRPDEKQYDTVETQLRFMTENGFSLRDGLYAISAVSHFTLGAVLEQQEHTAALTDRPAA
PDENLPPLLREALQIMDSDDGEQAFLHGLESLIRGFEVQLTALLQIV
;
_entity_poly.pdbx_strand_id   A
#
# COMPACT_ATOMS: atom_id res chain seq x y z
N SER A 1 16.73 -21.48 -14.36
CA SER A 1 15.38 -21.30 -14.94
C SER A 1 15.30 -20.02 -15.82
N ARG A 2 14.11 -19.57 -16.14
CA ARG A 2 13.91 -18.46 -17.07
C ARG A 2 14.08 -17.12 -16.34
N LEU A 3 14.77 -16.16 -16.96
CA LEU A 3 15.18 -14.96 -16.25
C LEU A 3 14.69 -13.67 -16.87
N ASN A 4 13.54 -13.68 -17.51
CA ASN A 4 12.96 -12.40 -17.90
C ASN A 4 12.41 -11.73 -16.63
N ARG A 5 12.25 -10.41 -16.70
CA ARG A 5 11.67 -9.61 -15.61
C ARG A 5 10.50 -10.30 -14.86
N GLU A 6 9.48 -10.76 -15.58
CA GLU A 6 8.32 -11.38 -14.90
C GLU A 6 8.66 -12.59 -14.00
N SER A 7 9.52 -13.48 -14.48
CA SER A 7 9.90 -14.68 -13.74
C SER A 7 10.78 -14.32 -12.58
N VAL A 8 11.71 -13.38 -12.78
CA VAL A 8 12.60 -12.91 -11.70
C VAL A 8 11.75 -12.39 -10.51
N ILE A 9 10.83 -11.50 -10.82
CA ILE A 9 9.91 -10.92 -9.83
C ILE A 9 8.97 -11.95 -9.18
N ASP A 10 8.43 -12.90 -9.97
CA ASP A 10 7.62 -14.01 -9.39
C ASP A 10 8.42 -14.79 -8.36
N ALA A 11 9.69 -15.05 -8.69
CA ALA A 11 10.58 -15.74 -7.80
C ALA A 11 10.94 -14.87 -6.60
N ALA A 12 11.20 -13.59 -6.84
CA ALA A 12 11.48 -12.69 -5.71
C ALA A 12 10.27 -12.54 -4.73
N LEU A 13 9.06 -12.38 -5.23
CA LEU A 13 7.86 -12.33 -4.38
C LEU A 13 7.66 -13.62 -3.56
N GLU A 14 7.84 -14.77 -4.18
CA GLU A 14 7.70 -16.05 -3.53
C GLU A 14 8.79 -16.19 -2.47
N LEU A 15 10.01 -15.75 -2.79
CA LEU A 15 11.07 -15.71 -1.79
C LEU A 15 10.70 -14.73 -0.66
N LEU A 16 10.08 -13.61 -1.01
CA LEU A 16 9.64 -12.65 -0.01
C LEU A 16 8.76 -13.32 1.05
N ASN A 17 7.81 -14.16 0.62
CA ASN A 17 6.91 -14.88 1.55
C ASN A 17 7.57 -15.94 2.45
N GLU A 18 8.69 -16.50 2.00
CA GLU A 18 9.55 -17.36 2.81
C GLU A 18 10.45 -16.68 3.85
N THR A 19 10.99 -15.50 3.56
CA THR A 19 12.08 -14.87 4.37
C THR A 19 11.75 -13.55 5.02
N GLY A 20 10.88 -12.75 4.41
CA GLY A 20 10.62 -11.39 4.86
C GLY A 20 11.69 -10.47 4.36
N ILE A 21 11.50 -9.17 4.53
CA ILE A 21 12.31 -8.14 3.89
C ILE A 21 13.74 -8.14 4.35
N ASP A 22 13.97 -8.37 5.64
CA ASP A 22 15.30 -8.30 6.23
C ASP A 22 16.09 -9.51 5.69
N GLY A 23 15.45 -10.69 5.66
CA GLY A 23 16.08 -11.91 5.16
C GLY A 23 16.37 -12.01 3.68
N LEU A 24 15.63 -11.27 2.84
CA LEU A 24 15.67 -11.44 1.39
C LEU A 24 16.99 -10.91 0.81
N THR A 25 17.74 -11.76 0.13
CA THR A 25 19.01 -11.33 -0.47
C THR A 25 19.07 -11.80 -1.94
N THR A 26 19.93 -11.18 -2.70
CA THR A 26 20.14 -11.58 -4.06
C THR A 26 20.69 -13.02 -4.06
N ARG A 27 21.61 -13.30 -3.13
CA ARG A 27 22.23 -14.63 -3.08
C ARG A 27 21.20 -15.73 -2.95
N LYS A 28 20.16 -15.55 -2.14
CA LYS A 28 19.05 -16.53 -2.02
C LYS A 28 18.07 -16.51 -3.20
N LEU A 29 17.90 -15.34 -3.81
CA LEU A 29 17.14 -15.27 -5.04
C LEU A 29 17.85 -16.12 -6.13
N ALA A 30 19.18 -15.99 -6.24
CA ALA A 30 20.00 -16.79 -7.22
C ALA A 30 19.89 -18.30 -7.00
N GLN A 31 19.96 -18.73 -5.76
CA GLN A 31 19.68 -20.12 -5.41
C GLN A 31 18.28 -20.59 -5.89
N LYS A 32 17.23 -19.86 -5.55
CA LYS A 32 15.89 -20.27 -5.96
C LYS A 32 15.78 -20.42 -7.51
N LEU A 33 16.49 -19.57 -8.26
CA LEU A 33 16.33 -19.58 -9.72
C LEU A 33 17.31 -20.57 -10.39
N GLY A 34 18.09 -21.27 -9.58
CA GLY A 34 19.04 -22.25 -10.09
C GLY A 34 20.21 -21.68 -10.87
N ILE A 35 20.66 -20.49 -10.48
CA ILE A 35 21.68 -19.77 -11.21
C ILE A 35 22.72 -19.24 -10.25
N GLU A 36 23.88 -18.93 -10.81
CA GLU A 36 24.98 -18.34 -10.07
C GLU A 36 24.78 -16.82 -9.89
N GLN A 37 25.29 -16.32 -8.78
CA GLN A 37 25.23 -14.87 -8.49
C GLN A 37 25.60 -13.89 -9.59
N PRO A 38 26.68 -14.15 -10.32
CA PRO A 38 26.98 -13.14 -11.36
C PRO A 38 25.98 -13.16 -12.54
N THR A 39 25.35 -14.29 -12.83
CA THR A 39 24.27 -14.34 -13.83
C THR A 39 23.17 -13.39 -13.37
N LEU A 40 22.77 -13.49 -12.11
CA LEU A 40 21.67 -12.68 -11.58
C LEU A 40 22.01 -11.19 -11.73
N TYR A 41 23.26 -10.80 -11.43
CA TYR A 41 23.67 -9.39 -11.43
C TYR A 41 23.38 -8.70 -12.79
N TRP A 42 23.60 -9.43 -13.89
CA TRP A 42 23.22 -8.96 -15.24
C TRP A 42 21.78 -8.46 -15.24
N HIS A 43 20.92 -9.23 -14.58
CA HIS A 43 19.47 -8.96 -14.54
C HIS A 43 18.98 -8.00 -13.43
N VAL A 44 19.66 -8.04 -12.28
CA VAL A 44 19.22 -7.27 -11.10
C VAL A 44 20.46 -6.90 -10.32
N LYS A 45 20.72 -5.62 -10.25
CA LYS A 45 22.03 -5.16 -9.80
C LYS A 45 22.25 -5.33 -8.29
N ASN A 46 21.19 -5.16 -7.49
CA ASN A 46 21.26 -5.24 -6.00
C ASN A 46 19.87 -5.38 -5.35
N LYS A 47 19.87 -5.55 -4.03
CA LYS A 47 18.66 -5.65 -3.21
C LYS A 47 17.77 -4.45 -3.35
N ARG A 48 18.37 -3.27 -3.37
CA ARG A 48 17.63 -2.06 -3.54
C ARG A 48 16.95 -2.04 -4.91
N ALA A 49 17.61 -2.50 -5.97
CA ALA A 49 16.93 -2.54 -7.27
C ALA A 49 15.74 -3.54 -7.20
N LEU A 50 15.93 -4.65 -6.51
CA LEU A 50 14.92 -5.70 -6.39
C LEU A 50 13.66 -5.25 -5.64
N LEU A 51 13.88 -4.64 -4.49
CA LEU A 51 12.83 -4.05 -3.66
C LEU A 51 12.03 -2.94 -4.37
N ASP A 52 12.69 -2.01 -5.07
CA ASP A 52 11.96 -1.01 -5.86
C ASP A 52 11.05 -1.68 -6.88
N ALA A 53 11.55 -2.73 -7.49
CA ALA A 53 10.78 -3.39 -8.56
C ALA A 53 9.61 -4.13 -7.88
N LEU A 54 9.92 -4.77 -6.73
CA LEU A 54 8.88 -5.46 -5.99
C LEU A 54 7.79 -4.50 -5.55
N ALA A 55 8.18 -3.34 -5.05
CA ALA A 55 7.17 -2.35 -4.58
C ALA A 55 6.21 -1.99 -5.72
N VAL A 56 6.73 -1.81 -6.93
CA VAL A 56 5.89 -1.42 -8.06
C VAL A 56 5.01 -2.59 -8.50
N GLU A 57 5.55 -3.79 -8.46
CA GLU A 57 4.79 -4.94 -8.94
C GLU A 57 3.68 -5.42 -7.98
N ILE A 58 3.91 -5.36 -6.67
CA ILE A 58 2.85 -5.66 -5.73
C ILE A 58 1.63 -4.81 -6.09
N LEU A 59 1.81 -3.50 -6.27
CA LEU A 59 0.67 -2.63 -6.65
C LEU A 59 0.09 -2.91 -8.06
N ALA A 60 0.92 -3.13 -9.07
CA ALA A 60 0.39 -3.38 -10.43
C ALA A 60 -0.42 -4.65 -10.41
N ARG A 61 0.13 -5.67 -9.76
CA ARG A 61 -0.53 -6.94 -9.71
C ARG A 61 -1.81 -6.92 -8.90
N HIS A 62 -1.82 -6.24 -7.76
CA HIS A 62 -2.93 -6.39 -6.80
C HIS A 62 -3.73 -5.16 -6.44
N HIS A 63 -3.19 -3.95 -6.65
CA HIS A 63 -3.92 -2.74 -6.26
C HIS A 63 -4.90 -2.45 -7.37
N ASP A 64 -5.92 -3.31 -7.44
CA ASP A 64 -6.90 -3.30 -8.49
C ASP A 64 -7.78 -2.04 -8.52
N TYR A 65 -8.08 -1.41 -7.37
CA TYR A 65 -9.00 -0.24 -7.35
C TYR A 65 -8.27 1.08 -7.26
N SER A 66 -7.53 1.38 -8.30
CA SER A 66 -6.71 2.58 -8.32
C SER A 66 -7.44 3.80 -8.91
N LEU A 67 -8.54 3.57 -9.62
CA LEU A 67 -9.26 4.65 -10.30
C LEU A 67 -10.77 4.58 -10.00
N PRO A 68 -11.45 5.74 -9.93
CA PRO A 68 -12.90 5.80 -9.75
C PRO A 68 -13.67 5.13 -10.85
N ALA A 69 -14.82 4.56 -10.53
CA ALA A 69 -15.72 4.06 -11.55
C ALA A 69 -16.44 5.28 -12.12
N ALA A 70 -17.02 5.08 -13.29
CA ALA A 70 -17.91 6.06 -13.85
C ALA A 70 -18.99 6.41 -12.81
N GLY A 71 -19.09 7.70 -12.53
CA GLY A 71 -20.19 8.21 -11.72
C GLY A 71 -19.91 8.29 -10.24
N GLU A 72 -18.80 7.68 -9.81
CA GLU A 72 -18.59 7.45 -8.40
C GLU A 72 -18.32 8.72 -7.66
N SER A 73 -18.85 8.83 -6.45
CA SER A 73 -18.56 9.94 -5.56
C SER A 73 -17.10 9.88 -5.05
N TRP A 74 -16.61 11.01 -4.55
CA TRP A 74 -15.23 11.07 -4.07
C TRP A 74 -15.05 10.26 -2.76
N GLN A 75 -16.06 10.30 -1.90
CA GLN A 75 -16.10 9.50 -0.66
C GLN A 75 -15.95 8.04 -0.99
N SER A 76 -16.82 7.57 -1.84
CA SER A 76 -16.80 6.17 -2.21
C SER A 76 -15.48 5.82 -2.86
N PHE A 77 -14.90 6.74 -3.61
CA PHE A 77 -13.63 6.45 -4.27
C PHE A 77 -12.55 6.32 -3.22
N LEU A 78 -12.46 7.26 -2.30
CA LEU A 78 -11.41 7.18 -1.30
C LEU A 78 -11.55 5.85 -0.51
N ARG A 79 -12.76 5.39 -0.26
CA ARG A 79 -13.01 4.13 0.50
C ARG A 79 -12.54 2.93 -0.26
N ASN A 80 -13.07 2.72 -1.45
CA ASN A 80 -12.64 1.59 -2.26
C ASN A 80 -11.12 1.54 -2.54
N ASN A 81 -10.51 2.69 -2.71
CA ASN A 81 -9.05 2.81 -2.98
C ASN A 81 -8.23 2.48 -1.74
N ALA A 82 -8.70 2.95 -0.61
CA ALA A 82 -8.02 2.59 0.64
C ALA A 82 -8.14 1.10 0.83
N MET A 83 -9.33 0.55 0.68
CA MET A 83 -9.49 -0.92 0.93
C MET A 83 -8.56 -1.70 0.01
N SER A 84 -8.49 -1.28 -1.26
CA SER A 84 -7.65 -1.94 -2.25
C SER A 84 -6.17 -1.81 -1.94
N PHE A 85 -5.71 -0.61 -1.63
CA PHE A 85 -4.32 -0.41 -1.17
C PHE A 85 -3.96 -1.34 0.04
N ARG A 86 -4.87 -1.38 1.01
CA ARG A 86 -4.60 -2.15 2.23
C ARG A 86 -4.36 -3.59 1.89
N ARG A 87 -5.31 -4.15 1.16
CA ARG A 87 -5.30 -5.52 0.71
C ARG A 87 -4.06 -5.85 -0.09
N ALA A 88 -3.60 -4.93 -0.96
CA ALA A 88 -2.43 -5.25 -1.77
C ALA A 88 -1.19 -5.30 -0.87
N LEU A 89 -1.11 -4.39 0.09
CA LEU A 89 0.01 -4.40 1.06
C LEU A 89 0.04 -5.61 1.97
N LEU A 90 -1.14 -6.16 2.27
CA LEU A 90 -1.23 -7.36 3.13
C LEU A 90 -0.92 -8.66 2.40
N ARG A 91 -0.81 -8.62 1.09
CA ARG A 91 -0.78 -9.88 0.36
C ARG A 91 0.56 -10.59 0.47
N TYR A 92 1.64 -9.85 0.69
CA TYR A 92 2.99 -10.40 0.84
C TYR A 92 3.50 -10.02 2.15
N ARG A 93 4.22 -10.96 2.77
CA ARG A 93 4.92 -10.74 4.03
C ARG A 93 5.80 -9.49 3.92
N ASP A 94 5.76 -8.61 4.94
CA ASP A 94 6.47 -7.32 4.94
C ASP A 94 6.13 -6.43 3.76
N GLY A 95 4.96 -6.66 3.17
CA GLY A 95 4.53 -5.91 2.03
C GLY A 95 4.56 -4.42 2.25
N ALA A 96 4.01 -3.98 3.39
CA ALA A 96 4.03 -2.56 3.75
C ALA A 96 5.46 -1.98 3.78
N LYS A 97 6.40 -2.71 4.40
CA LYS A 97 7.80 -2.22 4.51
C LYS A 97 8.48 -2.18 3.10
N VAL A 98 8.11 -3.08 2.22
CA VAL A 98 8.62 -3.05 0.85
C VAL A 98 8.12 -1.78 0.13
N HIS A 99 6.84 -1.42 0.32
CA HIS A 99 6.28 -0.23 -0.25
C HIS A 99 6.89 1.08 0.28
N LEU A 100 7.03 1.16 1.59
CA LEU A 100 7.52 2.38 2.28
C LEU A 100 8.90 2.83 1.78
N GLY A 101 9.74 1.87 1.45
CA GLY A 101 11.11 2.17 1.13
C GLY A 101 11.35 2.78 -0.25
N THR A 102 10.31 2.96 -1.05
CA THR A 102 10.48 3.32 -2.46
C THR A 102 9.75 4.61 -2.81
N ARG A 103 10.39 5.42 -3.66
CA ARG A 103 9.74 6.52 -4.36
C ARG A 103 8.75 5.93 -5.43
N PRO A 104 7.70 6.71 -5.84
CA PRO A 104 6.74 6.20 -6.87
C PRO A 104 7.28 6.16 -8.33
N ASP A 105 6.48 5.62 -9.24
CA ASP A 105 6.95 5.07 -10.53
C ASP A 105 6.22 5.70 -11.72
N GLU A 106 6.91 5.82 -12.85
CA GLU A 106 6.34 6.46 -14.03
C GLU A 106 4.82 6.17 -14.20
N LYS A 107 4.39 4.91 -14.13
CA LYS A 107 2.96 4.58 -14.29
C LYS A 107 2.12 4.93 -13.06
N GLN A 108 2.67 4.77 -11.87
CA GLN A 108 2.02 5.24 -10.63
C GLN A 108 1.78 6.76 -10.63
N TYR A 109 2.59 7.50 -11.39
CA TYR A 109 2.47 8.94 -11.49
C TYR A 109 1.26 9.40 -12.32
N ASP A 110 0.89 8.64 -13.35
CA ASP A 110 -0.30 8.96 -14.14
C ASP A 110 -1.60 8.56 -13.41
N THR A 111 -1.51 7.53 -12.58
CA THR A 111 -2.63 7.13 -11.74
C THR A 111 -2.89 8.20 -10.65
N VAL A 112 -1.89 8.59 -9.87
CA VAL A 112 -2.09 9.66 -8.86
C VAL A 112 -2.55 10.97 -9.49
N GLU A 113 -2.03 11.27 -10.68
CA GLU A 113 -2.50 12.44 -11.45
C GLU A 113 -3.99 12.39 -11.69
N THR A 114 -4.47 11.31 -12.31
CA THR A 114 -5.91 11.09 -12.53
C THR A 114 -6.74 11.22 -11.21
N GLN A 115 -6.14 10.85 -10.07
CA GLN A 115 -6.84 10.89 -8.78
C GLN A 115 -6.97 12.34 -8.40
N LEU A 116 -5.89 13.08 -8.57
CA LEU A 116 -5.88 14.51 -8.24
C LEU A 116 -6.79 15.30 -9.16
N ARG A 117 -6.91 14.89 -10.42
CA ARG A 117 -7.91 15.56 -11.26
C ARG A 117 -9.29 15.24 -10.67
N PHE A 118 -9.53 13.95 -10.43
CA PHE A 118 -10.83 13.49 -9.88
C PHE A 118 -11.32 14.31 -8.66
N MET A 119 -10.41 14.58 -7.73
CA MET A 119 -10.70 15.30 -6.48
C MET A 119 -10.93 16.77 -6.74
N THR A 120 -10.22 17.30 -7.71
CA THR A 120 -10.43 18.70 -8.11
C THR A 120 -11.81 18.90 -8.79
N GLU A 121 -12.21 17.97 -9.64
CA GLU A 121 -13.54 18.01 -10.26
C GLU A 121 -14.68 17.98 -9.24
N ASN A 122 -14.46 17.27 -8.15
CA ASN A 122 -15.43 17.20 -7.08
C ASN A 122 -15.25 18.29 -6.04
N GLY A 123 -14.50 19.32 -6.35
CA GLY A 123 -14.54 20.54 -5.54
C GLY A 123 -13.42 20.76 -4.57
N PHE A 124 -12.42 19.86 -4.54
CA PHE A 124 -11.24 20.11 -3.72
C PHE A 124 -10.27 20.95 -4.50
N SER A 125 -9.61 21.87 -3.81
CA SER A 125 -8.38 22.45 -4.32
C SER A 125 -7.36 21.35 -4.49
N LEU A 126 -6.24 21.70 -5.12
CA LEU A 126 -5.19 20.73 -5.29
C LEU A 126 -4.65 20.40 -3.93
N ARG A 127 -4.50 21.42 -3.08
CA ARG A 127 -3.92 21.30 -1.77
C ARG A 127 -4.71 20.31 -0.93
N ASP A 128 -5.95 20.69 -0.64
CA ASP A 128 -6.84 19.97 0.26
C ASP A 128 -7.09 18.57 -0.27
N GLY A 129 -7.10 18.43 -1.59
CA GLY A 129 -7.25 17.12 -2.23
C GLY A 129 -6.01 16.24 -2.06
N LEU A 130 -4.85 16.90 -2.02
CA LEU A 130 -3.61 16.21 -1.76
C LEU A 130 -3.50 15.80 -0.27
N TYR A 131 -3.93 16.66 0.61
CA TYR A 131 -3.92 16.36 1.99
C TYR A 131 -4.83 15.10 2.28
N ALA A 132 -5.97 15.03 1.61
CA ALA A 132 -6.97 13.97 1.76
C ALA A 132 -6.44 12.63 1.31
N ILE A 133 -5.91 12.60 0.11
CA ILE A 133 -5.24 11.42 -0.42
C ILE A 133 -4.02 10.98 0.37
N SER A 134 -3.25 11.93 0.89
CA SER A 134 -2.10 11.62 1.71
C SER A 134 -2.51 11.02 3.09
N ALA A 135 -3.52 11.59 3.71
CA ALA A 135 -3.99 11.17 5.02
C ALA A 135 -4.50 9.73 4.88
N VAL A 136 -5.28 9.45 3.86
CA VAL A 136 -5.73 8.13 3.59
C VAL A 136 -4.60 7.19 3.45
N SER A 137 -3.59 7.54 2.64
CA SER A 137 -2.47 6.68 2.45
C SER A 137 -1.68 6.44 3.69
N HIS A 138 -1.51 7.46 4.53
CA HIS A 138 -0.64 7.38 5.68
C HIS A 138 -1.34 6.51 6.78
N PHE A 139 -2.63 6.76 7.00
CA PHE A 139 -3.45 5.97 7.87
C PHE A 139 -3.39 4.50 7.46
N THR A 140 -3.53 4.21 6.17
CA THR A 140 -3.62 2.84 5.71
C THR A 140 -2.29 2.19 5.90
N LEU A 141 -1.24 2.88 5.47
CA LEU A 141 0.10 2.33 5.61
C LEU A 141 0.36 2.00 7.07
N GLY A 142 0.12 2.97 7.95
CA GLY A 142 0.30 2.73 9.41
C GLY A 142 -0.54 1.57 9.95
N ALA A 143 -1.81 1.49 9.63
CA ALA A 143 -2.62 0.36 10.08
C ALA A 143 -2.02 -0.93 9.59
N VAL A 144 -1.64 -1.02 8.31
CA VAL A 144 -1.13 -2.28 7.80
C VAL A 144 0.20 -2.62 8.39
N LEU A 145 1.07 -1.62 8.57
CA LEU A 145 2.39 -1.91 9.16
C LEU A 145 2.19 -2.54 10.56
N GLU A 146 1.28 -2.00 11.35
CA GLU A 146 1.04 -2.48 12.70
C GLU A 146 0.50 -3.88 12.70
N GLN A 147 -0.47 -4.13 11.84
CA GLN A 147 -1.02 -5.48 11.64
C GLN A 147 0.07 -6.51 11.26
N GLN A 148 0.97 -6.13 10.35
CA GLN A 148 1.98 -7.04 9.87
C GLN A 148 3.08 -7.25 10.89
N GLU A 149 3.29 -6.30 11.79
CA GLU A 149 4.38 -6.49 12.78
C GLU A 149 3.93 -7.45 13.89
N HIS A 150 2.85 -7.07 14.60
CA HIS A 150 2.30 -7.88 15.68
C HIS A 150 2.27 -9.34 15.25
N THR A 151 1.68 -9.61 14.08
CA THR A 151 1.64 -10.98 13.53
C THR A 151 2.12 -11.03 12.08
N LEU A 165 -1.48 -6.87 33.21
CA LEU A 165 -2.28 -5.88 32.47
C LEU A 165 -3.29 -5.11 33.36
N PRO A 166 -3.84 -3.98 32.84
CA PRO A 166 -4.98 -3.29 33.45
C PRO A 166 -6.33 -3.50 32.70
N PRO A 167 -7.48 -3.31 33.38
CA PRO A 167 -8.81 -3.79 32.93
C PRO A 167 -9.24 -3.41 31.53
N LEU A 168 -9.43 -2.10 31.31
CA LEU A 168 -9.97 -1.58 30.05
C LEU A 168 -9.12 -2.02 28.85
N LEU A 169 -7.81 -1.96 29.04
CA LEU A 169 -6.86 -2.46 28.07
C LEU A 169 -7.13 -3.93 27.82
N ARG A 170 -7.06 -4.73 28.87
CA ARG A 170 -7.32 -6.16 28.78
C ARG A 170 -8.52 -6.41 27.84
N GLU A 171 -9.65 -5.76 28.10
CA GLU A 171 -10.80 -5.89 27.19
C GLU A 171 -10.49 -5.24 25.82
N ALA A 172 -9.76 -4.12 25.82
CA ALA A 172 -9.35 -3.46 24.57
C ALA A 172 -8.59 -4.39 23.63
N LEU A 173 -7.45 -4.90 24.09
CA LEU A 173 -6.58 -5.74 23.28
C LEU A 173 -7.16 -7.16 22.96
N GLN A 174 -8.42 -7.42 23.35
CA GLN A 174 -9.14 -8.61 22.89
C GLN A 174 -10.10 -8.27 21.72
N ILE A 175 -10.63 -7.05 21.69
CA ILE A 175 -11.45 -6.62 20.55
C ILE A 175 -10.57 -6.27 19.36
N MET A 176 -9.28 -6.00 19.60
CA MET A 176 -8.31 -5.70 18.50
C MET A 176 -7.71 -6.99 17.97
N ASP A 177 -7.66 -8.03 18.82
CA ASP A 177 -7.11 -9.35 18.44
C ASP A 177 -8.14 -10.29 17.79
N SER A 178 -9.36 -10.32 18.34
CA SER A 178 -10.50 -11.09 17.76
C SER A 178 -10.60 -10.99 16.23
N ASP A 179 -10.02 -9.91 15.70
CA ASP A 179 -10.03 -9.58 14.30
C ASP A 179 -8.57 -9.41 13.90
N ASP A 180 -8.32 -9.31 12.60
CA ASP A 180 -6.98 -9.04 12.12
C ASP A 180 -6.63 -7.53 12.03
N GLY A 181 -7.55 -6.63 12.39
CA GLY A 181 -7.31 -5.20 12.32
C GLY A 181 -8.30 -4.52 11.39
N GLU A 182 -9.05 -5.31 10.62
CA GLU A 182 -9.95 -4.79 9.61
C GLU A 182 -11.05 -3.83 10.13
N GLN A 183 -11.69 -4.19 11.25
CA GLN A 183 -12.74 -3.37 11.85
C GLN A 183 -12.20 -2.05 12.30
N ALA A 184 -11.10 -2.06 13.03
CA ALA A 184 -10.49 -0.83 13.47
C ALA A 184 -10.16 0.08 12.26
N PHE A 185 -9.65 -0.54 11.18
CA PHE A 185 -9.28 0.18 10.00
C PHE A 185 -10.49 0.79 9.33
N LEU A 186 -11.55 0.01 9.16
CA LEU A 186 -12.69 0.47 8.38
C LEU A 186 -13.48 1.58 9.10
N HIS A 187 -13.51 1.49 10.42
CA HIS A 187 -14.10 2.53 11.23
C HIS A 187 -13.29 3.83 11.10
N GLY A 188 -11.99 3.77 11.34
CA GLY A 188 -11.13 4.95 11.17
C GLY A 188 -11.16 5.53 9.75
N LEU A 189 -11.19 4.69 8.75
CA LEU A 189 -11.40 5.14 7.38
C LEU A 189 -12.59 6.07 7.28
N GLU A 190 -13.74 5.64 7.82
CA GLU A 190 -14.96 6.46 7.79
C GLU A 190 -14.87 7.75 8.53
N SER A 191 -14.15 7.75 9.63
CA SER A 191 -14.00 8.95 10.41
C SER A 191 -13.19 9.97 9.58
N LEU A 192 -12.15 9.48 8.91
CA LEU A 192 -11.30 10.32 8.10
C LEU A 192 -12.13 10.94 6.95
N ILE A 193 -12.90 10.13 6.22
CA ILE A 193 -13.66 10.61 5.05
C ILE A 193 -14.68 11.65 5.48
N ARG A 194 -15.37 11.39 6.58
CA ARG A 194 -16.37 12.37 7.07
C ARG A 194 -15.71 13.69 7.45
N GLY A 195 -14.56 13.60 8.08
CA GLY A 195 -13.76 14.78 8.48
C GLY A 195 -13.43 15.63 7.27
N PHE A 196 -13.05 14.99 6.16
CA PHE A 196 -12.82 15.68 4.89
C PHE A 196 -14.09 16.26 4.37
N GLU A 197 -15.17 15.51 4.40
CA GLU A 197 -16.42 16.06 3.94
C GLU A 197 -16.77 17.33 4.72
N VAL A 198 -16.58 17.34 6.03
CA VAL A 198 -16.93 18.51 6.81
C VAL A 198 -16.04 19.71 6.46
N GLN A 199 -14.76 19.46 6.21
CA GLN A 199 -13.83 20.47 5.71
C GLN A 199 -14.29 21.06 4.43
N LEU A 200 -14.53 20.20 3.43
CA LEU A 200 -14.90 20.58 2.07
C LEU A 200 -16.17 21.42 2.02
N THR A 201 -17.23 20.89 2.62
CA THR A 201 -18.55 21.52 2.64
C THR A 201 -18.54 22.93 3.22
N ALA A 202 -17.62 23.20 4.14
CA ALA A 202 -17.59 24.49 4.83
C ALA A 202 -17.10 25.68 3.95
N LEU A 203 -16.33 25.43 2.89
CA LEU A 203 -15.83 26.52 2.03
C LEU A 203 -14.93 27.52 2.83
N LEU A 204 -15.31 28.80 2.92
CA LEU A 204 -14.63 29.78 3.82
C LEU A 204 -15.33 30.07 5.18
N GLN A 205 -16.39 29.35 5.55
CA GLN A 205 -17.01 29.58 6.89
C GLN A 205 -16.09 29.03 7.98
N ILE A 206 -16.23 29.54 9.20
CA ILE A 206 -15.46 28.99 10.34
C ILE A 206 -16.06 27.64 10.75
N VAL A 207 -15.24 26.61 10.65
CA VAL A 207 -15.73 25.27 10.81
C VAL A 207 -14.97 24.66 11.98
#